data_1OC6
#
_entry.id   1OC6
#
_cell.length_a   57.504
_cell.length_b   60.148
_cell.length_c   97.207
_cell.angle_alpha   90.00
_cell.angle_beta   90.00
_cell.angle_gamma   90.00
#
_symmetry.space_group_name_H-M   'P 21 21 21'
#
loop_
_entity.id
_entity.type
_entity.pdbx_description
1 polymer 'CELLOBIOHYDROLASE II'
2 non-polymer 2-acetamido-2-deoxy-beta-D-glucopyranose
3 non-polymer 'CALCIUM ION'
4 non-polymer GLYCEROL
5 water water
#
_entity_poly.entity_id   1
_entity_poly.type   'polypeptide(L)'
_entity_poly.pdbx_seq_one_letter_code
;APYNGNPFEGVQLWANNYYRSEVHTLAIPQITDPALRAAASAVAEVPSFQWLDRNVTVDTLLVQTLSEIREANQAGANPQ
YAAQIVVYDLPDRDCAAAASNGEWAIANNGVNNYKAYINRIREILISFSDVRTILVIEPDSLANMVTNMNVPKCSGAAST
YRELTIYALKQLDLPHVAMYMDAGHAGWLGWPANIQPAAELFAKIYEDAGKPRAVRGLATNVANYNAWSVSSPPPYTSPN
PNYDEKHYIEAFRPLLEARGFPAQFIVDQGRSGKQPTGQKEWGHWCNAIGTGFGMRPTANTGHQYVDAFVWVKPGGECNG
TSDTTAARYDYHCGLEDALKPAPEAGQWFNEYFIQLLRNANPPF
;
_entity_poly.pdbx_strand_id   A
#
# COMPACT_ATOMS: atom_id res chain seq x y z
N ALA A 1 22.25 -4.20 -8.05
CA ALA A 1 22.78 -3.29 -9.10
C ALA A 1 22.04 -1.97 -8.99
N PRO A 2 22.67 -0.90 -9.44
CA PRO A 2 22.01 0.40 -9.38
C PRO A 2 21.03 0.54 -10.52
N TYR A 3 20.22 1.56 -10.43
CA TYR A 3 19.31 1.96 -11.51
C TYR A 3 19.24 3.49 -11.55
N ASN A 4 18.79 4.01 -12.68
CA ASN A 4 18.52 5.45 -12.83
C ASN A 4 17.03 5.66 -13.10
N GLY A 5 16.41 6.68 -12.53
CA GLY A 5 15.06 7.00 -12.95
C GLY A 5 14.02 6.09 -12.31
N ASN A 6 12.95 5.86 -13.06
CA ASN A 6 11.77 5.12 -12.60
C ASN A 6 12.17 3.66 -12.34
N PRO A 7 12.07 3.20 -11.09
CA PRO A 7 12.50 1.82 -10.76
C PRO A 7 11.61 0.77 -11.38
N PHE A 8 10.43 1.16 -11.90
CA PHE A 8 9.53 0.21 -12.53
C PHE A 8 9.91 0.01 -14.01
N GLU A 9 10.79 0.86 -14.53
CA GLU A 9 11.25 0.73 -15.94
C GLU A 9 12.35 -0.31 -16.05
N GLY A 10 12.27 -1.12 -17.10
CA GLY A 10 13.29 -2.09 -17.36
C GLY A 10 13.24 -3.41 -16.63
N VAL A 11 12.16 -3.59 -15.89
CA VAL A 11 11.91 -4.82 -15.11
C VAL A 11 10.48 -5.28 -15.28
N GLN A 12 10.24 -6.55 -14.96
CA GLN A 12 8.91 -7.15 -14.83
C GLN A 12 8.63 -7.18 -13.33
N LEU A 13 7.39 -7.14 -12.96
CA LEU A 13 7.02 -7.22 -11.55
C LEU A 13 6.69 -8.67 -11.18
N TRP A 14 7.32 -9.18 -10.13
CA TRP A 14 7.08 -10.56 -9.68
C TRP A 14 5.73 -10.68 -8.97
N ALA A 15 4.98 -11.69 -9.38
CA ALA A 15 3.75 -12.06 -8.68
C ALA A 15 4.11 -13.13 -7.66
N ASN A 16 3.91 -12.84 -6.38
CA ASN A 16 4.48 -13.68 -5.35
C ASN A 16 3.66 -14.92 -5.06
N ASN A 17 4.33 -15.90 -4.50
CA ASN A 17 3.71 -17.19 -4.21
C ASN A 17 2.81 -17.25 -3.01
N TYR A 18 2.87 -16.25 -2.13
CA TYR A 18 1.96 -16.18 -1.01
C TYR A 18 0.53 -15.92 -1.56
N TYR A 19 0.39 -14.85 -2.33
CA TYR A 19 -0.94 -14.53 -2.94
C TYR A 19 -1.35 -15.62 -3.90
N ARG A 20 -0.41 -16.13 -4.68
CA ARG A 20 -0.74 -17.25 -5.59
C ARG A 20 -1.28 -18.48 -4.83
N SER A 21 -0.66 -18.81 -3.71
CA SER A 21 -1.10 -19.93 -2.86
C SER A 21 -2.46 -19.64 -2.26
N GLU A 22 -2.71 -18.39 -1.85
CA GLU A 22 -4.04 -18.04 -1.38
C GLU A 22 -5.10 -18.32 -2.44
N VAL A 23 -4.84 -17.88 -3.66
CA VAL A 23 -5.84 -18.07 -4.71
C VAL A 23 -6.05 -19.56 -5.04
N HIS A 24 -4.95 -20.28 -5.23
CA HIS A 24 -5.04 -21.68 -5.67
C HIS A 24 -5.46 -22.64 -4.56
N THR A 25 -5.08 -22.38 -3.33
CA THR A 25 -5.45 -23.31 -2.23
C THR A 25 -6.67 -22.94 -1.41
N LEU A 26 -6.98 -21.64 -1.36
CA LEU A 26 -8.08 -21.16 -0.57
C LEU A 26 -9.29 -20.72 -1.40
N ALA A 27 -9.06 -20.03 -2.49
CA ALA A 27 -10.16 -19.44 -3.30
C ALA A 27 -10.74 -20.42 -4.33
N ILE A 28 -9.88 -20.89 -5.22
CA ILE A 28 -10.34 -21.71 -6.36
C ILE A 28 -11.08 -23.00 -5.91
N PRO A 29 -10.62 -23.70 -4.88
CA PRO A 29 -11.38 -24.90 -4.45
C PRO A 29 -12.80 -24.62 -4.02
N GLN A 30 -13.13 -23.37 -3.70
CA GLN A 30 -14.49 -22.97 -3.31
C GLN A 30 -15.32 -22.46 -4.50
N ILE A 31 -14.73 -22.39 -5.69
CA ILE A 31 -15.36 -21.82 -6.87
C ILE A 31 -15.68 -22.93 -7.87
N THR A 32 -16.96 -23.10 -8.19
CA THR A 32 -17.34 -24.14 -9.17
C THR A 32 -17.61 -23.65 -10.56
N ASP A 33 -17.87 -22.36 -10.69
CA ASP A 33 -18.14 -21.80 -12.01
C ASP A 33 -16.87 -21.78 -12.87
N PRO A 34 -16.86 -22.46 -14.00
CA PRO A 34 -15.64 -22.53 -14.80
C PRO A 34 -15.06 -21.15 -15.16
N ALA A 35 -15.90 -20.21 -15.56
CA ALA A 35 -15.38 -18.92 -15.98
C ALA A 35 -14.76 -18.17 -14.80
N LEU A 36 -15.40 -18.20 -13.63
CA LEU A 36 -14.84 -17.57 -12.41
C LEU A 36 -13.55 -18.30 -11.98
N ARG A 37 -13.46 -19.61 -12.18
CA ARG A 37 -12.20 -20.33 -11.89
C ARG A 37 -11.04 -19.87 -12.76
N ALA A 38 -11.30 -19.70 -14.05
CA ALA A 38 -10.26 -19.26 -14.97
C ALA A 38 -9.86 -17.80 -14.66
N ALA A 39 -10.86 -17.00 -14.29
CA ALA A 39 -10.62 -15.58 -13.92
C ALA A 39 -9.75 -15.54 -12.68
N ALA A 40 -10.06 -16.40 -11.71
CA ALA A 40 -9.29 -16.47 -10.47
C ALA A 40 -7.84 -16.87 -10.72
N SER A 41 -7.65 -17.89 -11.56
CA SER A 41 -6.31 -18.30 -11.93
C SER A 41 -5.52 -17.15 -12.55
N ALA A 42 -6.18 -16.33 -13.36
CA ALA A 42 -5.50 -15.19 -14.00
C ALA A 42 -5.07 -14.12 -12.98
N VAL A 43 -5.95 -13.85 -12.00
CA VAL A 43 -5.66 -12.81 -11.02
C VAL A 43 -4.49 -13.20 -10.08
N ALA A 44 -4.28 -14.51 -9.89
CA ALA A 44 -3.16 -15.01 -9.12
C ALA A 44 -1.82 -14.63 -9.70
N GLU A 45 -1.82 -14.33 -11.00
CA GLU A 45 -0.62 -13.92 -11.76
C GLU A 45 -0.39 -12.43 -11.81
N VAL A 46 -1.32 -11.66 -11.23
CA VAL A 46 -1.16 -10.21 -11.22
C VAL A 46 -0.23 -9.82 -10.07
N PRO A 47 0.82 -9.07 -10.34
CA PRO A 47 1.83 -8.80 -9.30
C PRO A 47 1.46 -7.70 -8.32
N SER A 48 1.11 -8.12 -7.11
CA SER A 48 0.76 -7.20 -6.01
C SER A 48 1.87 -7.17 -4.95
N PHE A 49 1.88 -6.09 -4.16
CA PHE A 49 2.87 -5.97 -3.08
C PHE A 49 2.68 -7.05 -2.00
N GLN A 50 3.79 -7.45 -1.40
CA GLN A 50 3.84 -8.33 -0.26
C GLN A 50 4.13 -7.47 0.97
N TRP A 51 3.35 -7.67 2.03
CA TRP A 51 3.40 -6.81 3.20
C TRP A 51 4.17 -7.43 4.35
N LEU A 52 5.13 -6.68 4.87
CA LEU A 52 5.84 -7.07 6.08
C LEU A 52 5.15 -6.45 7.29
N ASP A 53 3.92 -6.89 7.55
CA ASP A 53 3.07 -6.26 8.52
C ASP A 53 3.18 -6.85 9.91
N ARG A 54 4.03 -7.87 10.05
CA ARG A 54 4.38 -8.53 11.32
C ARG A 54 5.86 -8.90 11.20
N ASN A 55 6.56 -8.83 12.29
CA ASN A 55 8.01 -9.13 12.32
C ASN A 55 8.40 -10.50 11.78
N VAL A 56 7.57 -11.51 12.06
CA VAL A 56 7.85 -12.86 11.58
C VAL A 56 7.94 -13.01 10.06
N THR A 57 7.40 -12.03 9.31
CA THR A 57 7.46 -12.05 7.83
C THR A 57 8.87 -11.79 7.29
N VAL A 58 9.73 -11.17 8.10
CA VAL A 58 11.04 -10.74 7.60
C VAL A 58 11.93 -11.93 7.27
N ASP A 59 12.09 -12.85 8.19
CA ASP A 59 12.95 -14.00 7.95
C ASP A 59 12.22 -15.19 7.30
N THR A 60 10.96 -15.02 6.95
CA THR A 60 10.17 -15.99 6.20
C THR A 60 9.85 -15.47 4.81
N LEU A 61 8.80 -14.69 4.71
CA LEU A 61 8.29 -14.21 3.42
C LEU A 61 9.29 -13.39 2.64
N LEU A 62 9.96 -12.45 3.29
CA LEU A 62 10.87 -11.60 2.52
C LEU A 62 11.98 -12.41 1.88
N VAL A 63 12.60 -13.25 2.66
CA VAL A 63 13.72 -14.11 2.21
C VAL A 63 13.23 -15.06 1.10
N GLN A 64 12.06 -15.65 1.32
CA GLN A 64 11.50 -16.60 0.34
C GLN A 64 11.23 -15.90 -0.98
N THR A 65 10.57 -14.75 -0.95
CA THR A 65 10.24 -14.05 -2.18
C THR A 65 11.50 -13.62 -2.94
N LEU A 66 12.45 -13.02 -2.25
CA LEU A 66 13.70 -12.60 -2.87
C LEU A 66 14.43 -13.82 -3.45
N SER A 67 14.47 -14.92 -2.71
CA SER A 67 15.13 -16.16 -3.18
C SER A 67 14.48 -16.67 -4.46
N GLU A 68 13.14 -16.65 -4.51
CA GLU A 68 12.38 -17.13 -5.65
C GLU A 68 12.63 -16.22 -6.83
N ILE A 69 12.67 -14.91 -6.60
CA ILE A 69 12.94 -13.99 -7.72
C ILE A 69 14.37 -14.19 -8.25
N ARG A 70 15.34 -14.33 -7.38
CA ARG A 70 16.70 -14.60 -7.83
C ARG A 70 16.72 -15.85 -8.68
N GLU A 71 16.06 -16.89 -8.23
CA GLU A 71 16.02 -18.17 -9.00
C GLU A 71 15.43 -17.90 -10.39
N ALA A 72 14.32 -17.17 -10.46
CA ALA A 72 13.66 -16.90 -11.75
C ALA A 72 14.53 -16.09 -12.71
N ASN A 73 15.22 -15.11 -12.14
CA ASN A 73 16.12 -14.25 -12.88
C ASN A 73 17.34 -15.02 -13.40
N GLN A 74 17.85 -15.90 -12.57
CA GLN A 74 19.01 -16.70 -12.97
C GLN A 74 18.58 -17.77 -13.98
N ALA A 75 17.30 -18.12 -13.99
CA ALA A 75 16.67 -19.03 -15.00
C ALA A 75 16.20 -18.31 -16.26
N GLY A 76 16.58 -17.06 -16.42
CA GLY A 76 16.48 -16.30 -17.65
C GLY A 76 15.31 -15.37 -17.87
N ALA A 77 14.61 -15.02 -16.78
CA ALA A 77 13.52 -14.04 -16.89
C ALA A 77 13.96 -12.82 -17.64
N ASN A 78 13.15 -12.39 -18.61
CA ASN A 78 13.54 -11.24 -19.40
C ASN A 78 12.34 -10.41 -19.80
N PRO A 79 12.21 -9.17 -19.31
CA PRO A 79 13.16 -8.54 -18.39
C PRO A 79 13.13 -9.22 -17.01
N GLN A 80 14.17 -8.92 -16.27
CA GLN A 80 14.31 -9.48 -14.92
C GLN A 80 13.17 -9.01 -14.03
N TYR A 81 12.86 -9.84 -13.02
CA TYR A 81 11.82 -9.55 -12.06
C TYR A 81 12.34 -8.63 -10.97
N ALA A 82 11.44 -7.76 -10.48
CA ALA A 82 11.64 -6.93 -9.30
C ALA A 82 10.62 -7.27 -8.22
N ALA A 83 11.02 -7.01 -6.98
CA ALA A 83 10.17 -7.21 -5.81
C ALA A 83 9.45 -5.92 -5.42
N GLN A 84 8.27 -6.14 -4.84
CA GLN A 84 7.38 -5.06 -4.32
C GLN A 84 6.99 -5.40 -2.90
N ILE A 85 7.50 -4.63 -1.96
CA ILE A 85 7.35 -4.91 -0.53
C ILE A 85 6.80 -3.69 0.22
N VAL A 86 5.93 -3.94 1.18
CA VAL A 86 5.45 -2.91 2.13
C VAL A 86 6.08 -3.09 3.51
N VAL A 87 6.64 -2.03 4.03
CA VAL A 87 7.15 -1.96 5.42
C VAL A 87 6.03 -1.35 6.25
N TYR A 88 5.53 -2.13 7.20
CA TYR A 88 4.31 -1.76 7.94
C TYR A 88 4.34 -2.33 9.36
N ASP A 89 5.21 -1.80 10.23
CA ASP A 89 5.24 -2.29 11.60
C ASP A 89 5.72 -1.25 12.62
N LEU A 90 5.41 0.02 12.39
CA LEU A 90 5.74 1.04 13.39
C LEU A 90 5.12 0.69 14.75
N PRO A 91 5.81 1.01 15.84
CA PRO A 91 5.19 0.86 17.16
C PRO A 91 4.11 1.91 17.35
N ASP A 92 3.11 1.60 18.17
CA ASP A 92 1.91 2.42 18.29
C ASP A 92 1.33 2.71 16.88
N ARG A 93 1.32 1.66 16.07
CA ARG A 93 0.82 1.70 14.68
C ARG A 93 -0.61 2.19 14.62
N ASP A 94 -0.94 2.91 13.57
CA ASP A 94 -2.33 3.29 13.28
C ASP A 94 -2.90 4.09 14.43
N CYS A 95 -2.22 5.15 14.79
CA CYS A 95 -2.51 5.86 16.03
C CYS A 95 -3.91 6.43 16.15
N ALA A 96 -4.56 6.75 15.04
CA ALA A 96 -5.91 7.34 15.08
C ALA A 96 -7.04 6.33 14.84
N ALA A 97 -6.71 5.09 14.60
CA ALA A 97 -7.69 4.06 14.28
C ALA A 97 -8.46 3.67 15.53
N ALA A 98 -9.66 3.14 15.30
CA ALA A 98 -10.49 2.60 16.34
C ALA A 98 -9.86 1.40 16.99
N ALA A 99 -9.09 0.65 16.20
CA ALA A 99 -8.37 -0.54 16.64
C ALA A 99 -7.19 -0.69 15.72
N SER A 100 -6.13 -1.32 16.22
CA SER A 100 -4.96 -1.60 15.40
C SER A 100 -4.50 -3.02 15.62
N ASN A 101 -4.06 -3.65 14.52
CA ASN A 101 -3.43 -4.95 14.55
C ASN A 101 -1.90 -4.88 14.71
N GLY A 102 -1.35 -3.67 14.89
CA GLY A 102 0.09 -3.52 15.10
C GLY A 102 0.55 -4.25 16.35
N GLU A 103 1.65 -4.96 16.24
CA GLU A 103 2.12 -5.80 17.35
C GLU A 103 2.94 -5.12 18.41
N TRP A 104 3.51 -3.94 18.12
CA TRP A 104 4.45 -3.31 19.01
C TRP A 104 3.96 -2.00 19.58
N ALA A 105 4.37 -1.73 20.83
CA ALA A 105 4.02 -0.53 21.56
C ALA A 105 5.24 0.26 21.91
N ILE A 106 5.18 1.58 21.80
CA ILE A 106 6.27 2.46 22.24
C ILE A 106 6.61 2.18 23.71
N ALA A 107 5.58 1.97 24.53
CA ALA A 107 5.80 1.70 25.99
C ALA A 107 6.46 0.33 26.29
N ASN A 108 6.49 -0.57 25.31
CA ASN A 108 7.00 -1.96 25.51
C ASN A 108 8.16 -2.23 24.52
N ASN A 109 9.15 -1.35 24.54
CA ASN A 109 10.38 -1.52 23.76
C ASN A 109 10.18 -1.42 22.24
N GLY A 110 9.12 -0.76 21.82
CA GLY A 110 8.75 -0.73 20.41
C GLY A 110 9.74 -0.02 19.52
N VAL A 111 10.35 1.07 20.02
CA VAL A 111 11.38 1.78 19.25
C VAL A 111 12.55 0.86 18.93
N ASN A 112 13.10 0.21 19.93
CA ASN A 112 14.20 -0.74 19.68
C ASN A 112 13.77 -1.90 18.80
N ASN A 113 12.55 -2.38 19.02
CA ASN A 113 12.03 -3.46 18.19
C ASN A 113 12.01 -3.05 16.69
N TYR A 114 11.55 -1.83 16.43
CA TYR A 114 11.43 -1.34 15.06
C TYR A 114 12.80 -1.15 14.41
N LYS A 115 13.73 -0.57 15.19
CA LYS A 115 15.04 -0.32 14.62
C LYS A 115 15.68 -1.66 14.22
N ALA A 116 15.50 -2.68 15.06
CA ALA A 116 16.05 -4.00 14.77
C ALA A 116 15.41 -4.61 13.52
N TYR A 117 14.10 -4.46 13.40
CA TYR A 117 13.36 -4.89 12.21
C TYR A 117 13.91 -4.24 10.95
N ILE A 118 14.06 -2.92 10.98
CA ILE A 118 14.65 -2.22 9.81
C ILE A 118 16.06 -2.72 9.55
N ASN A 119 16.86 -2.90 10.60
CA ASN A 119 18.23 -3.37 10.44
C ASN A 119 18.27 -4.76 9.79
N ARG A 120 17.37 -5.65 10.21
CA ARG A 120 17.33 -7.00 9.65
C ARG A 120 16.89 -6.95 8.18
N ILE A 121 15.89 -6.13 7.87
CA ILE A 121 15.47 -5.92 6.46
C ILE A 121 16.66 -5.45 5.65
N ARG A 122 17.42 -4.48 6.16
CA ARG A 122 18.59 -3.98 5.46
C ARG A 122 19.58 -5.11 5.13
N GLU A 123 19.84 -5.98 6.11
CA GLU A 123 20.76 -7.10 5.89
C GLU A 123 20.26 -8.00 4.77
N ILE A 124 18.97 -8.28 4.78
CA ILE A 124 18.41 -9.16 3.73
C ILE A 124 18.43 -8.50 2.37
N LEU A 125 18.03 -7.23 2.28
CA LEU A 125 18.10 -6.54 1.01
C LEU A 125 19.53 -6.50 0.46
N ILE A 126 20.53 -6.25 1.31
CA ILE A 126 21.93 -6.34 0.88
C ILE A 126 22.30 -7.70 0.32
N SER A 127 21.88 -8.76 1.00
CA SER A 127 22.10 -10.11 0.50
C SER A 127 21.54 -10.34 -0.88
N PHE A 128 20.37 -9.76 -1.09
CA PHE A 128 19.65 -9.81 -2.37
C PHE A 128 19.71 -8.53 -3.21
N SER A 129 20.90 -7.92 -3.23
CA SER A 129 21.17 -6.71 -4.04
C SER A 129 20.91 -6.89 -5.51
N ASP A 130 20.98 -8.14 -5.99
CA ASP A 130 20.71 -8.47 -7.38
C ASP A 130 19.24 -8.39 -7.77
N VAL A 131 18.37 -8.22 -6.78
CA VAL A 131 16.92 -8.16 -7.00
C VAL A 131 16.44 -6.75 -6.72
N ARG A 132 16.15 -5.99 -7.76
CA ARG A 132 15.65 -4.63 -7.59
C ARG A 132 14.38 -4.71 -6.71
N THR A 133 14.34 -3.85 -5.69
CA THR A 133 13.31 -3.92 -4.66
C THR A 133 12.65 -2.56 -4.41
N ILE A 134 11.33 -2.55 -4.61
CA ILE A 134 10.51 -1.36 -4.51
C ILE A 134 9.71 -1.45 -3.21
N LEU A 135 9.83 -0.41 -2.38
CA LEU A 135 9.22 -0.39 -1.06
C LEU A 135 8.19 0.71 -0.92
N VAL A 136 7.06 0.40 -0.31
CA VAL A 136 6.12 1.36 0.24
C VAL A 136 6.42 1.42 1.76
N ILE A 137 6.73 2.62 2.26
CA ILE A 137 7.03 2.82 3.68
C ILE A 137 5.80 3.26 4.46
N GLU A 138 5.36 2.35 5.35
CA GLU A 138 4.41 2.64 6.46
C GLU A 138 3.10 3.36 6.10
N PRO A 139 2.18 2.61 5.48
CA PRO A 139 0.82 3.11 5.32
C PRO A 139 0.23 3.62 6.64
N ASP A 140 -0.63 4.62 6.57
CA ASP A 140 -1.37 5.10 7.75
C ASP A 140 -0.46 5.50 8.88
N SER A 141 0.67 6.17 8.52
CA SER A 141 1.60 6.71 9.50
C SER A 141 1.62 8.23 9.54
N LEU A 142 2.52 8.84 8.80
CA LEU A 142 2.68 10.28 8.82
C LEU A 142 1.46 11.08 8.34
N ALA A 143 0.55 10.45 7.60
CA ALA A 143 -0.66 11.18 7.22
C ALA A 143 -1.41 11.61 8.49
N ASN A 144 -1.29 10.80 9.54
CA ASN A 144 -1.93 11.14 10.82
C ASN A 144 -1.36 12.41 11.47
N MET A 145 -0.09 12.69 11.23
CA MET A 145 0.49 13.94 11.73
C MET A 145 -0.08 15.19 11.07
N VAL A 146 -0.68 15.03 9.88
CA VAL A 146 -1.28 16.14 9.18
C VAL A 146 -2.62 16.49 9.80
N THR A 147 -3.49 15.52 10.06
CA THR A 147 -4.87 15.81 10.43
C THR A 147 -5.33 15.32 11.80
N ASN A 148 -4.56 14.46 12.44
CA ASN A 148 -4.96 13.77 13.67
C ASN A 148 -4.11 14.07 14.92
N MET A 149 -3.44 15.23 14.97
CA MET A 149 -2.61 15.58 16.12
C MET A 149 -3.46 15.91 17.35
N ASN A 150 -4.78 16.05 17.16
CA ASN A 150 -5.69 16.16 18.29
C ASN A 150 -5.91 14.83 19.02
N VAL A 151 -5.58 13.71 18.38
CA VAL A 151 -5.77 12.40 18.98
C VAL A 151 -4.59 12.11 19.92
N PRO A 152 -4.82 11.87 21.19
CA PRO A 152 -3.69 11.72 22.10
C PRO A 152 -2.62 10.69 21.66
N LYS A 153 -3.04 9.52 21.19
CA LYS A 153 -2.05 8.51 20.75
C LYS A 153 -1.21 9.04 19.60
N CYS A 154 -1.81 9.79 18.71
CA CYS A 154 -1.03 10.35 17.57
C CYS A 154 -0.07 11.40 18.05
N SER A 155 -0.53 12.32 18.90
CA SER A 155 0.35 13.34 19.41
C SER A 155 1.52 12.71 20.15
N GLY A 156 1.25 11.69 20.92
CA GLY A 156 2.26 11.01 21.69
C GLY A 156 3.24 10.20 20.83
N ALA A 157 2.78 9.78 19.66
CA ALA A 157 3.60 8.97 18.74
C ALA A 157 4.32 9.80 17.69
N ALA A 158 3.98 11.05 17.55
CA ALA A 158 4.42 11.82 16.36
C ALA A 158 5.95 11.87 16.23
N SER A 159 6.66 12.15 17.33
CA SER A 159 8.11 12.24 17.24
C SER A 159 8.70 10.90 16.89
N THR A 160 8.08 9.84 17.39
CA THR A 160 8.51 8.46 17.10
C THR A 160 8.28 8.09 15.64
N TYR A 161 7.10 8.40 15.11
CA TYR A 161 6.83 8.23 13.72
C TYR A 161 7.83 8.95 12.84
N ARG A 162 8.12 10.20 13.17
CA ARG A 162 9.01 10.98 12.36
C ARG A 162 10.44 10.40 12.44
N GLU A 163 10.94 10.17 13.64
CA GLU A 163 12.32 9.67 13.85
C GLU A 163 12.51 8.31 13.22
N LEU A 164 11.55 7.40 13.37
CA LEU A 164 11.71 6.05 12.86
C LEU A 164 11.52 6.06 11.34
N THR A 165 10.72 6.97 10.80
CA THR A 165 10.61 7.09 9.33
C THR A 165 11.96 7.52 8.74
N ILE A 166 12.58 8.52 9.34
CA ILE A 166 13.89 8.97 8.92
C ILE A 166 14.89 7.81 9.02
N TYR A 167 14.79 7.03 10.09
CA TYR A 167 15.68 5.89 10.31
C TYR A 167 15.55 4.90 9.15
N ALA A 168 14.32 4.55 8.78
CA ALA A 168 14.07 3.61 7.69
C ALA A 168 14.58 4.18 6.36
N LEU A 169 14.30 5.46 6.10
CA LEU A 169 14.71 6.07 4.83
C LEU A 169 16.24 6.04 4.67
N LYS A 170 16.97 6.22 5.75
CA LYS A 170 18.45 6.23 5.67
C LYS A 170 18.99 4.79 5.63
N GLN A 171 18.42 3.92 6.46
CA GLN A 171 18.94 2.56 6.55
C GLN A 171 18.65 1.73 5.30
N LEU A 172 17.55 2.07 4.62
CA LEU A 172 17.13 1.33 3.42
C LEU A 172 17.52 2.04 2.13
N ASP A 173 18.33 3.11 2.28
CA ASP A 173 18.81 3.87 1.12
C ASP A 173 19.97 3.09 0.49
N LEU A 174 19.62 2.12 -0.30
CA LEU A 174 20.55 1.21 -0.97
C LEU A 174 20.39 1.36 -2.48
N PRO A 175 21.47 1.22 -3.26
CA PRO A 175 21.35 1.42 -4.72
C PRO A 175 20.34 0.60 -5.50
N HIS A 176 19.98 -0.59 -5.02
CA HIS A 176 19.02 -1.42 -5.71
C HIS A 176 17.59 -1.22 -5.25
N VAL A 177 17.40 -0.27 -4.33
CA VAL A 177 16.10 -0.03 -3.68
C VAL A 177 15.48 1.30 -4.14
N ALA A 178 14.15 1.30 -4.24
CA ALA A 178 13.36 2.51 -4.32
C ALA A 178 12.37 2.51 -3.19
N MET A 179 12.14 3.70 -2.65
CA MET A 179 11.13 3.90 -1.60
C MET A 179 10.13 4.99 -1.97
N TYR A 180 8.87 4.71 -1.62
CA TYR A 180 7.71 5.62 -1.70
C TYR A 180 7.08 5.71 -0.34
N MET A 181 7.08 6.89 0.28
CA MET A 181 6.39 7.02 1.56
C MET A 181 4.90 7.06 1.32
N ASP A 182 4.15 6.43 2.20
CA ASP A 182 2.67 6.58 2.13
C ASP A 182 2.24 8.03 2.28
N ALA A 183 1.27 8.41 1.47
CA ALA A 183 0.72 9.78 1.55
C ALA A 183 -0.81 9.78 1.49
N GLY A 184 -1.44 8.86 2.19
CA GLY A 184 -2.88 8.89 2.26
C GLY A 184 -3.53 8.77 0.88
N HIS A 185 -4.60 9.51 0.69
CA HIS A 185 -5.38 9.45 -0.54
C HIS A 185 -6.12 10.77 -0.75
N ALA A 186 -6.75 10.93 -1.89
CA ALA A 186 -7.42 12.18 -2.22
C ALA A 186 -8.44 12.62 -1.20
N GLY A 187 -9.10 11.67 -0.58
CA GLY A 187 -10.12 11.97 0.40
C GLY A 187 -9.65 12.11 1.82
N TRP A 188 -8.33 12.09 2.00
CA TRP A 188 -7.69 12.35 3.29
C TRP A 188 -6.84 13.61 3.15
N LEU A 189 -5.67 13.49 2.58
CA LEU A 189 -4.77 14.62 2.42
C LEU A 189 -5.05 15.51 1.23
N GLY A 190 -5.90 15.06 0.32
CA GLY A 190 -6.21 15.83 -0.87
C GLY A 190 -7.24 16.93 -0.68
N TRP A 191 -7.94 16.95 0.45
CA TRP A 191 -8.86 18.08 0.71
C TRP A 191 -8.03 19.35 0.69
N PRO A 192 -8.53 20.42 0.09
CA PRO A 192 -7.78 21.68 0.02
C PRO A 192 -7.20 22.17 1.35
N ALA A 193 -7.90 22.03 2.44
CA ALA A 193 -7.39 22.47 3.75
C ALA A 193 -6.15 21.68 4.22
N ASN A 194 -5.97 20.47 3.69
CA ASN A 194 -4.94 19.56 4.17
C ASN A 194 -3.71 19.46 3.30
N ILE A 195 -3.85 19.86 2.05
CA ILE A 195 -2.81 19.57 1.06
C ILE A 195 -1.48 20.32 1.28
N GLN A 196 -1.55 21.60 1.67
CA GLN A 196 -0.30 22.34 1.95
C GLN A 196 0.38 21.85 3.23
N PRO A 197 -0.32 21.65 4.32
CA PRO A 197 0.32 21.07 5.52
C PRO A 197 0.94 19.69 5.21
N ALA A 198 0.25 18.89 4.39
CA ALA A 198 0.82 17.59 4.00
C ALA A 198 2.10 17.77 3.21
N ALA A 199 2.11 18.67 2.24
CA ALA A 199 3.35 18.93 1.49
C ALA A 199 4.48 19.39 2.39
N GLU A 200 4.18 20.28 3.35
CA GLU A 200 5.17 20.74 4.29
C GLU A 200 5.79 19.57 5.07
N LEU A 201 4.95 18.68 5.57
CA LEU A 201 5.44 17.57 6.40
C LEU A 201 6.32 16.64 5.59
N PHE A 202 5.85 16.16 4.44
CA PHE A 202 6.61 15.15 3.69
C PHE A 202 7.89 15.76 3.12
N ALA A 203 7.84 17.03 2.73
CA ALA A 203 9.06 17.67 2.23
C ALA A 203 10.06 17.87 3.38
N LYS A 204 9.61 18.13 4.59
CA LYS A 204 10.52 18.28 5.74
C LYS A 204 11.20 16.94 6.10
N ILE A 205 10.42 15.87 6.10
CA ILE A 205 10.94 14.52 6.36
C ILE A 205 12.02 14.18 5.35
N TYR A 206 11.73 14.47 4.09
CA TYR A 206 12.65 14.19 3.00
C TYR A 206 13.98 14.94 3.24
N GLU A 207 13.90 16.23 3.56
CA GLU A 207 15.06 17.06 3.93
C GLU A 207 15.82 16.49 5.11
N ASP A 208 15.08 16.17 6.17
CA ASP A 208 15.70 15.77 7.42
C ASP A 208 16.41 14.39 7.27
N ALA A 209 15.98 13.58 6.30
CA ALA A 209 16.63 12.29 6.00
C ALA A 209 17.83 12.48 5.06
N GLY A 210 18.10 13.70 4.66
CA GLY A 210 19.20 13.98 3.73
C GLY A 210 18.89 13.71 2.27
N LYS A 211 17.61 13.74 1.90
CA LYS A 211 17.16 13.53 0.51
C LYS A 211 17.77 12.27 -0.06
N PRO A 212 17.54 11.13 0.59
CA PRO A 212 18.18 9.87 0.17
C PRO A 212 17.82 9.55 -1.26
N ARG A 213 18.83 9.12 -2.01
CA ARG A 213 18.65 8.83 -3.42
C ARG A 213 17.56 7.78 -3.70
N ALA A 214 17.45 6.83 -2.80
CA ALA A 214 16.47 5.73 -3.00
C ALA A 214 15.03 6.22 -2.90
N VAL A 215 14.82 7.37 -2.27
CA VAL A 215 13.44 7.88 -2.12
C VAL A 215 12.98 8.47 -3.46
N ARG A 216 12.03 7.82 -4.12
CA ARG A 216 11.47 8.26 -5.39
C ARG A 216 10.32 9.24 -5.19
N GLY A 217 9.58 9.10 -4.09
CA GLY A 217 8.40 9.90 -3.85
C GLY A 217 7.46 9.27 -2.86
N LEU A 218 6.18 9.23 -3.27
CA LEU A 218 5.06 8.92 -2.39
C LEU A 218 4.14 7.90 -3.04
N ALA A 219 3.42 7.18 -2.18
CA ALA A 219 2.39 6.22 -2.59
C ALA A 219 1.05 6.72 -2.15
N THR A 220 0.06 6.64 -3.04
CA THR A 220 -1.30 7.07 -2.65
C THR A 220 -2.32 5.99 -2.89
N ASN A 221 -3.47 6.16 -2.21
CA ASN A 221 -4.61 5.26 -2.33
C ASN A 221 -4.35 3.83 -1.80
N VAL A 222 -3.30 3.66 -1.03
CA VAL A 222 -2.96 2.32 -0.49
C VAL A 222 -4.10 1.79 0.35
N ALA A 223 -4.64 0.61 -0.04
CA ALA A 223 -5.74 -0.06 0.67
C ALA A 223 -7.06 0.68 0.55
N ASN A 224 -7.10 1.70 -0.29
CA ASN A 224 -8.35 2.41 -0.57
C ASN A 224 -8.84 2.11 -2.00
N TYR A 225 -9.95 2.77 -2.37
CA TYR A 225 -10.71 2.37 -3.56
C TYR A 225 -10.84 3.47 -4.58
N ASN A 226 -10.09 4.56 -4.45
CA ASN A 226 -10.32 5.73 -5.25
C ASN A 226 -10.04 5.53 -6.73
N ALA A 227 -10.71 6.33 -7.55
CA ALA A 227 -10.39 6.39 -8.97
C ALA A 227 -9.05 7.02 -9.20
N TRP A 228 -8.37 6.56 -10.25
CA TRP A 228 -7.27 7.36 -10.83
C TRP A 228 -7.84 8.61 -11.50
N SER A 229 -8.69 8.43 -12.53
CA SER A 229 -9.22 9.56 -13.28
C SER A 229 -10.60 9.24 -13.83
N VAL A 230 -11.60 9.93 -13.29
CA VAL A 230 -12.98 9.77 -13.79
C VAL A 230 -13.57 11.13 -14.10
N SER A 231 -14.55 11.17 -15.01
CA SER A 231 -15.09 12.43 -15.50
C SER A 231 -16.07 13.09 -14.53
N SER A 232 -16.66 12.32 -13.65
CA SER A 232 -17.62 12.89 -12.71
C SER A 232 -17.29 12.47 -11.28
N PRO A 233 -17.40 13.40 -10.34
CA PRO A 233 -17.08 13.09 -8.95
C PRO A 233 -18.02 12.05 -8.36
N PRO A 234 -17.52 10.95 -7.79
CA PRO A 234 -18.40 10.04 -7.07
C PRO A 234 -19.13 10.79 -5.97
N PRO A 235 -20.34 10.37 -5.66
CA PRO A 235 -21.17 11.16 -4.76
C PRO A 235 -20.61 11.37 -3.36
N TYR A 236 -19.82 10.41 -2.86
CA TYR A 236 -19.29 10.47 -1.47
C TYR A 236 -18.06 11.40 -1.40
N THR A 237 -17.63 11.89 -2.56
CA THR A 237 -16.48 12.81 -2.59
C THR A 237 -16.82 14.28 -2.40
N SER A 238 -18.11 14.62 -2.55
CA SER A 238 -18.50 16.03 -2.55
C SER A 238 -18.29 16.67 -1.17
N PRO A 239 -17.83 17.93 -1.09
CA PRO A 239 -17.44 18.80 -2.19
C PRO A 239 -15.95 18.98 -2.43
N ASN A 240 -15.18 17.92 -2.24
CA ASN A 240 -13.75 17.99 -2.53
C ASN A 240 -13.48 18.14 -4.03
N PRO A 241 -12.80 19.20 -4.47
CA PRO A 241 -12.48 19.30 -5.88
C PRO A 241 -11.48 18.24 -6.30
N ASN A 242 -10.71 17.71 -5.35
CA ASN A 242 -9.77 16.64 -5.64
C ASN A 242 -10.40 15.30 -5.40
N TYR A 243 -11.24 14.88 -6.35
CA TYR A 243 -12.16 13.77 -6.13
C TYR A 243 -11.61 12.43 -6.66
N ASP A 244 -10.46 12.48 -7.31
CA ASP A 244 -9.76 11.28 -7.77
C ASP A 244 -8.26 11.50 -7.53
N GLU A 245 -7.49 10.44 -7.77
CA GLU A 245 -6.05 10.49 -7.47
C GLU A 245 -5.31 11.42 -8.42
N LYS A 246 -5.74 11.48 -9.69
CA LYS A 246 -5.11 12.41 -10.64
C LYS A 246 -5.23 13.85 -10.15
N HIS A 247 -6.43 14.24 -9.71
CA HIS A 247 -6.61 15.65 -9.24
C HIS A 247 -5.69 15.89 -8.02
N TYR A 248 -5.69 14.96 -7.07
CA TYR A 248 -4.88 15.06 -5.87
C TYR A 248 -3.40 15.23 -6.22
N ILE A 249 -2.87 14.33 -7.04
CA ILE A 249 -1.46 14.35 -7.37
C ILE A 249 -1.08 15.62 -8.12
N GLU A 250 -1.95 16.04 -9.04
CA GLU A 250 -1.67 17.29 -9.79
C GLU A 250 -1.68 18.51 -8.92
N ALA A 251 -2.50 18.53 -7.87
CA ALA A 251 -2.47 19.63 -6.90
C ALA A 251 -1.32 19.55 -5.87
N PHE A 252 -0.96 18.32 -5.53
CA PHE A 252 0.02 18.02 -4.48
C PHE A 252 1.46 18.22 -4.92
N ARG A 253 1.79 17.69 -6.09
CA ARG A 253 3.18 17.73 -6.57
C ARG A 253 3.77 19.15 -6.62
N PRO A 254 3.07 20.15 -7.13
CA PRO A 254 3.69 21.49 -7.14
C PRO A 254 4.05 22.02 -5.76
N LEU A 255 3.20 21.73 -4.78
CA LEU A 255 3.44 22.16 -3.41
C LEU A 255 4.65 21.44 -2.80
N LEU A 256 4.76 20.15 -3.07
CA LEU A 256 5.91 19.36 -2.61
C LEU A 256 7.19 19.86 -3.27
N GLU A 257 7.12 20.09 -4.57
CA GLU A 257 8.29 20.49 -5.36
C GLU A 257 8.83 21.86 -4.93
N ALA A 258 7.94 22.83 -4.69
CA ALA A 258 8.38 24.12 -4.16
C ALA A 258 9.07 23.99 -2.82
N ARG A 259 8.78 22.91 -2.08
CA ARG A 259 9.33 22.66 -0.79
C ARG A 259 10.50 21.68 -0.83
N GLY A 260 11.03 21.44 -2.01
CA GLY A 260 12.26 20.67 -2.16
C GLY A 260 12.15 19.20 -2.51
N PHE A 261 10.93 18.73 -2.70
CA PHE A 261 10.67 17.27 -2.89
C PHE A 261 9.85 17.06 -4.15
N PRO A 262 10.49 16.89 -5.30
CA PRO A 262 9.78 16.66 -6.56
C PRO A 262 9.35 15.19 -6.70
N ALA A 263 8.41 14.84 -5.84
CA ALA A 263 8.03 13.44 -5.65
C ALA A 263 7.34 12.86 -6.86
N GLN A 264 7.79 11.67 -7.28
CA GLN A 264 7.03 10.85 -8.17
C GLN A 264 6.10 9.95 -7.36
N PHE A 265 5.07 9.45 -8.00
CA PHE A 265 3.99 8.72 -7.30
C PHE A 265 3.79 7.34 -7.81
N ILE A 266 3.36 6.47 -6.89
CA ILE A 266 2.71 5.23 -7.30
C ILE A 266 1.32 5.24 -6.70
N VAL A 267 0.36 4.68 -7.44
CA VAL A 267 -1.06 4.78 -7.04
C VAL A 267 -1.66 3.39 -7.00
N ASP A 268 -2.17 3.00 -5.83
CA ASP A 268 -2.86 1.70 -5.73
C ASP A 268 -4.14 1.77 -6.56
N GLN A 269 -4.33 0.74 -7.39
CA GLN A 269 -5.56 0.58 -8.14
C GLN A 269 -6.11 -0.86 -8.01
N GLY A 270 -5.59 -1.60 -7.04
CA GLY A 270 -5.99 -2.99 -6.89
C GLY A 270 -7.45 -3.27 -6.55
N ARG A 271 -8.15 -2.26 -6.01
CA ARG A 271 -9.57 -2.35 -5.70
C ARG A 271 -10.33 -1.14 -6.22
N SER A 272 -9.86 -0.60 -7.33
CA SER A 272 -10.40 0.63 -7.93
C SER A 272 -11.10 0.48 -9.28
N GLY A 273 -11.27 -0.74 -9.77
CA GLY A 273 -11.79 -0.88 -11.12
C GLY A 273 -13.23 -0.44 -11.32
N LYS A 274 -14.05 -0.53 -10.29
CA LYS A 274 -15.47 -0.08 -10.35
C LYS A 274 -15.58 1.31 -9.73
N GLN A 275 -16.10 2.25 -10.50
CA GLN A 275 -16.29 3.63 -10.05
C GLN A 275 -17.68 4.11 -10.49
N PRO A 276 -18.45 4.75 -9.61
CA PRO A 276 -18.16 4.90 -8.19
C PRO A 276 -18.24 3.53 -7.51
N THR A 277 -17.74 3.45 -6.30
CA THR A 277 -17.78 2.25 -5.50
C THR A 277 -19.15 2.14 -4.79
N GLY A 278 -19.28 1.13 -3.94
CA GLY A 278 -20.45 1.00 -3.04
C GLY A 278 -20.25 1.64 -1.68
N GLN A 279 -19.19 2.42 -1.51
CA GLN A 279 -19.03 3.18 -0.26
C GLN A 279 -20.13 4.20 -0.10
N LYS A 280 -20.72 4.27 1.10
CA LYS A 280 -21.69 5.31 1.40
C LYS A 280 -21.06 6.63 1.83
N GLU A 281 -19.86 6.52 2.37
CA GLU A 281 -19.04 7.66 2.77
C GLU A 281 -17.60 7.36 2.40
N TRP A 282 -16.83 8.40 2.10
CA TRP A 282 -15.43 8.22 1.63
C TRP A 282 -14.51 7.57 2.64
N GLY A 283 -14.76 7.82 3.92
CA GLY A 283 -14.00 7.28 5.00
C GLY A 283 -14.29 5.85 5.41
N HIS A 284 -15.19 5.18 4.67
CA HIS A 284 -15.56 3.77 4.91
C HIS A 284 -14.58 2.92 4.11
N TRP A 285 -13.52 2.53 4.77
CA TRP A 285 -12.43 1.80 4.18
C TRP A 285 -12.45 0.30 4.31
N CYS A 286 -13.28 -0.24 5.20
CA CYS A 286 -13.19 -1.68 5.51
C CYS A 286 -14.05 -2.57 4.62
N ASN A 287 -13.43 -3.44 3.83
CA ASN A 287 -14.13 -4.45 3.06
C ASN A 287 -15.30 -3.85 2.28
N ALA A 288 -15.08 -2.74 1.59
CA ALA A 288 -16.18 -1.99 0.98
C ALA A 288 -16.84 -2.76 -0.14
N ILE A 289 -18.17 -2.75 -0.09
CA ILE A 289 -18.94 -3.39 -1.16
C ILE A 289 -18.86 -2.60 -2.47
N GLY A 290 -19.25 -3.26 -3.54
CA GLY A 290 -19.32 -2.59 -4.80
C GLY A 290 -18.00 -2.12 -5.36
N THR A 291 -16.95 -2.91 -5.13
CA THR A 291 -15.64 -2.62 -5.67
C THR A 291 -15.15 -3.75 -6.55
N GLY A 292 -14.23 -3.42 -7.42
CA GLY A 292 -13.64 -4.36 -8.37
C GLY A 292 -12.12 -4.28 -8.47
N PHE A 293 -11.50 -5.38 -8.84
CA PHE A 293 -10.11 -5.36 -9.29
C PHE A 293 -9.94 -4.29 -10.36
N GLY A 294 -8.90 -3.51 -10.29
CA GLY A 294 -8.69 -2.41 -11.24
C GLY A 294 -7.58 -2.56 -12.23
N MET A 295 -7.07 -1.42 -12.70
N MET A 295 -7.09 -1.41 -12.71
CA MET A 295 -6.11 -1.50 -13.79
CA MET A 295 -6.02 -1.35 -13.70
C MET A 295 -4.86 -2.23 -13.33
C MET A 295 -4.84 -2.23 -13.32
N ARG A 296 -4.32 -2.98 -14.30
CA ARG A 296 -3.22 -3.89 -14.01
C ARG A 296 -1.96 -3.10 -13.75
N PRO A 297 -1.10 -3.58 -12.87
CA PRO A 297 0.16 -2.89 -12.61
C PRO A 297 0.96 -2.61 -13.85
N THR A 298 1.50 -1.41 -13.93
CA THR A 298 2.28 -1.03 -15.10
C THR A 298 3.11 0.19 -14.81
N ALA A 299 4.26 0.23 -15.47
CA ALA A 299 5.07 1.41 -15.52
C ALA A 299 4.57 2.43 -16.56
N ASN A 300 3.73 1.98 -17.46
CA ASN A 300 3.30 2.83 -18.57
C ASN A 300 2.03 3.58 -18.24
N THR A 301 2.18 4.51 -17.30
CA THR A 301 1.06 5.23 -16.76
C THR A 301 0.51 6.31 -17.68
N GLY A 302 1.37 6.83 -18.54
CA GLY A 302 1.04 7.98 -19.34
C GLY A 302 1.06 9.31 -18.66
N HIS A 303 1.37 9.34 -17.37
CA HIS A 303 1.35 10.60 -16.59
C HIS A 303 2.74 10.94 -16.07
N GLN A 304 3.13 12.18 -16.27
CA GLN A 304 4.48 12.64 -15.94
C GLN A 304 4.90 12.44 -14.47
N TYR A 305 3.94 12.51 -13.56
CA TYR A 305 4.26 12.43 -12.14
C TYR A 305 4.08 11.03 -11.54
N VAL A 306 3.65 10.06 -12.35
CA VAL A 306 3.26 8.73 -11.84
C VAL A 306 4.20 7.69 -12.43
N ASP A 307 5.07 7.14 -11.56
CA ASP A 307 6.00 6.08 -11.95
C ASP A 307 5.26 4.77 -12.31
N ALA A 308 4.19 4.44 -11.55
CA ALA A 308 3.45 3.22 -11.78
C ALA A 308 2.07 3.23 -11.21
N PHE A 309 1.17 2.52 -11.88
CA PHE A 309 -0.05 2.01 -11.25
C PHE A 309 0.28 0.66 -10.68
N VAL A 310 -0.11 0.44 -9.44
CA VAL A 310 0.25 -0.77 -8.72
C VAL A 310 -0.94 -1.36 -8.02
N TRP A 311 -0.78 -2.59 -7.54
CA TRP A 311 -1.72 -3.25 -6.64
C TRP A 311 -0.99 -3.39 -5.31
N VAL A 312 -1.28 -2.48 -4.38
CA VAL A 312 -0.58 -2.50 -3.09
C VAL A 312 -1.29 -3.43 -2.12
N LYS A 313 -2.51 -3.08 -1.72
CA LYS A 313 -3.32 -3.98 -0.88
C LYS A 313 -3.84 -5.15 -1.73
N PRO A 314 -3.50 -6.40 -1.40
CA PRO A 314 -3.93 -7.53 -2.24
C PRO A 314 -5.40 -7.84 -2.04
N GLY A 315 -6.16 -7.78 -3.12
CA GLY A 315 -7.61 -8.02 -3.06
C GLY A 315 -7.95 -9.45 -2.68
N GLY A 316 -8.80 -9.60 -1.66
CA GLY A 316 -9.21 -10.87 -1.11
C GLY A 316 -8.72 -11.09 0.32
N GLU A 317 -7.66 -10.39 0.71
CA GLU A 317 -7.16 -10.43 2.11
C GLU A 317 -7.99 -9.45 2.92
N CYS A 318 -8.62 -9.97 3.96
CA CYS A 318 -9.61 -9.20 4.73
C CYS A 318 -9.02 -7.98 5.40
N ASN A 319 -9.76 -6.88 5.43
CA ASN A 319 -9.34 -5.64 6.11
C ASN A 319 -9.65 -5.63 7.63
N GLY A 320 -10.46 -6.58 8.07
CA GLY A 320 -10.88 -6.66 9.45
C GLY A 320 -12.17 -7.41 9.64
N THR A 321 -12.32 -7.99 10.82
CA THR A 321 -13.46 -8.78 11.14
C THR A 321 -14.71 -7.95 11.38
N SER A 322 -15.83 -8.56 11.04
CA SER A 322 -17.15 -8.00 11.30
C SER A 322 -17.71 -8.47 12.68
N ASP A 323 -16.99 -9.34 13.36
CA ASP A 323 -17.36 -9.83 14.71
C ASP A 323 -17.13 -8.74 15.74
N THR A 324 -18.24 -8.16 16.20
CA THR A 324 -18.18 -7.03 17.14
C THR A 324 -17.62 -7.36 18.50
N THR A 325 -17.50 -8.65 18.81
CA THR A 325 -16.94 -9.12 20.07
C THR A 325 -15.45 -9.42 20.04
N ALA A 326 -14.86 -9.35 18.86
CA ALA A 326 -13.44 -9.64 18.69
C ALA A 326 -12.54 -8.58 19.36
N ALA A 327 -11.41 -9.00 19.90
CA ALA A 327 -10.52 -8.09 20.63
C ALA A 327 -10.13 -6.83 19.84
N ARG A 328 -9.84 -7.02 18.56
CA ARG A 328 -9.39 -5.90 17.75
C ARG A 328 -10.40 -5.49 16.68
N TYR A 329 -11.67 -5.64 17.04
CA TYR A 329 -12.77 -5.22 16.17
C TYR A 329 -12.73 -3.70 15.96
N ASP A 330 -12.82 -3.32 14.69
CA ASP A 330 -12.89 -1.96 14.26
C ASP A 330 -14.30 -1.74 13.72
N TYR A 331 -15.03 -0.77 14.27
CA TYR A 331 -16.43 -0.51 13.88
C TYR A 331 -16.62 -0.23 12.37
N HIS A 332 -15.57 0.20 11.70
CA HIS A 332 -15.67 0.43 10.25
C HIS A 332 -16.06 -0.87 9.52
N CYS A 333 -15.63 -1.99 10.12
CA CYS A 333 -15.89 -3.31 9.51
C CYS A 333 -17.29 -3.89 9.76
N GLY A 334 -18.06 -3.13 10.53
CA GLY A 334 -19.45 -3.46 10.82
C GLY A 334 -20.46 -2.59 10.15
N LEU A 335 -20.00 -1.66 9.33
CA LEU A 335 -20.90 -0.72 8.66
C LEU A 335 -21.73 -1.37 7.54
N GLU A 336 -22.78 -0.69 7.13
CA GLU A 336 -23.74 -1.20 6.13
C GLU A 336 -23.11 -1.50 4.78
N ASP A 337 -22.00 -0.82 4.49
CA ASP A 337 -21.31 -0.94 3.21
C ASP A 337 -20.03 -1.78 3.32
N ALA A 338 -19.87 -2.53 4.41
CA ALA A 338 -18.76 -3.45 4.63
C ALA A 338 -19.31 -4.84 4.42
N LEU A 339 -18.65 -5.65 3.61
CA LEU A 339 -19.16 -7.00 3.32
C LEU A 339 -19.02 -7.88 4.56
N LYS A 340 -20.06 -8.64 4.87
CA LYS A 340 -20.13 -9.43 6.09
C LYS A 340 -20.81 -10.76 5.79
N PRO A 341 -20.52 -11.78 6.57
CA PRO A 341 -19.54 -11.79 7.64
C PRO A 341 -18.13 -11.85 7.10
N ALA A 342 -17.24 -11.16 7.81
CA ALA A 342 -15.85 -11.04 7.48
C ALA A 342 -14.92 -11.62 8.55
N PRO A 343 -13.88 -12.33 8.12
CA PRO A 343 -12.93 -12.92 9.06
C PRO A 343 -11.93 -11.90 9.61
N GLU A 344 -10.97 -12.36 10.44
CA GLU A 344 -9.96 -11.44 10.95
C GLU A 344 -9.09 -10.84 9.86
N ALA A 345 -8.56 -9.67 10.16
CA ALA A 345 -7.69 -8.96 9.27
C ALA A 345 -6.59 -9.93 8.80
N GLY A 346 -6.38 -9.95 7.48
CA GLY A 346 -5.32 -10.76 6.90
C GLY A 346 -5.77 -12.15 6.48
N GLN A 347 -6.89 -12.63 6.96
CA GLN A 347 -7.40 -13.93 6.59
C GLN A 347 -8.06 -13.77 5.21
N TRP A 348 -7.99 -14.82 4.44
CA TRP A 348 -8.63 -14.84 3.13
C TRP A 348 -10.13 -14.70 3.30
N PHE A 349 -10.73 -13.81 2.49
CA PHE A 349 -12.15 -13.49 2.54
C PHE A 349 -12.71 -13.80 1.15
N ASN A 350 -13.13 -15.04 0.94
CA ASN A 350 -13.45 -15.49 -0.44
C ASN A 350 -14.61 -14.77 -1.07
N GLU A 351 -15.66 -14.45 -0.29
CA GLU A 351 -16.79 -13.74 -0.84
C GLU A 351 -16.34 -12.37 -1.38
N TYR A 352 -15.37 -11.78 -0.70
CA TYR A 352 -14.86 -10.46 -1.14
C TYR A 352 -14.02 -10.63 -2.43
N PHE A 353 -13.22 -11.68 -2.49
CA PHE A 353 -12.46 -11.98 -3.72
C PHE A 353 -13.42 -12.15 -4.89
N ILE A 354 -14.52 -12.89 -4.69
CA ILE A 354 -15.47 -13.08 -5.79
C ILE A 354 -16.10 -11.74 -6.23
N GLN A 355 -16.45 -10.88 -5.25
CA GLN A 355 -16.94 -9.55 -5.55
C GLN A 355 -15.95 -8.82 -6.47
N LEU A 356 -14.66 -8.81 -6.07
CA LEU A 356 -13.63 -8.11 -6.86
C LEU A 356 -13.53 -8.64 -8.27
N LEU A 357 -13.64 -9.96 -8.41
CA LEU A 357 -13.63 -10.58 -9.73
C LEU A 357 -14.83 -10.17 -10.57
N ARG A 358 -16.02 -10.27 -9.99
CA ARG A 358 -17.23 -9.89 -10.72
C ARG A 358 -17.25 -8.45 -11.24
N ASN A 359 -16.72 -7.53 -10.43
CA ASN A 359 -16.65 -6.11 -10.73
C ASN A 359 -15.33 -5.67 -11.37
N ALA A 360 -14.47 -6.61 -11.74
CA ALA A 360 -13.16 -6.27 -12.30
C ALA A 360 -13.27 -5.45 -13.56
N ASN A 361 -12.41 -4.46 -13.64
CA ASN A 361 -12.31 -3.59 -14.81
C ASN A 361 -10.89 -3.11 -14.95
N PRO A 362 -10.16 -3.56 -15.97
CA PRO A 362 -10.65 -4.49 -16.99
C PRO A 362 -10.99 -5.88 -16.44
N PRO A 363 -11.94 -6.56 -17.08
CA PRO A 363 -12.34 -7.89 -16.65
C PRO A 363 -11.26 -8.94 -16.84
N PHE A 364 -11.35 -9.99 -16.04
CA PHE A 364 -10.56 -11.21 -16.17
C PHE A 364 -11.23 -12.30 -17.01
#